data_6ZHY
#
_entry.id   6ZHY
#
loop_
_entity.id
_entity.type
_entity.pdbx_description
1 polymer 'Histone H3'
2 polymer 'Histone H4'
3 polymer 'Histone H2A type 1'
4 polymer 'Histone H2B 1.1'
5 polymer 'DNA (110-MER) Widom 601 sequence'
6 polymer 'DNA (110-MER) Widom 601 sequence'
7 polymer 'Chromodomain-helicase-DNA-binding protein 1-like'
#
loop_
_entity_poly.entity_id
_entity_poly.type
_entity_poly.pdbx_seq_one_letter_code
_entity_poly.pdbx_strand_id
1 'polypeptide(L)'
;MARTKQTARKSTGGKAPRKQLATKAARKSAPATGGVKKPHRYRPGTVALREIRRYQKSTELLIRKLPFQRLVREIAQDFK
TDLRFQSSAVMALQEASEAYLVALFEDTNLAAIHAKRVTIMPKDIQLARRIRGERA
;
A,E
2 'polypeptide(L)'
;MSGRGKGGKGLGKGGAKRHRKVLRDNIQGITKPAIRRLARRGGVKRISGLIYEETRGVLKVFLENVIRDAVTYTEHAKRK
TVTAMDVVYALKRQGRTLYGFGG
;
B,F
3 'polypeptide(L)'
;MSGRGKQGGKTRAKAKTRSSRAGLQFPVGRVHRLLRKGNYAERVGAGAPVYLAAVLEYLTAEILELAGNAARDNKKTRII
PRHLQLAVRNDEELNKLLGRVTIAQGGVLPNIQSVLLPKKTESSKSAKSK
;
C
4 'polypeptide(L)'
;MAKSAPAPKKGSKKAVTKTQKKDGKKRRKTRKESYAIYVYKVLKQVHPDTGISSKAMSIMNSFVNDVFERIAGEASRLAH
YNKRSTITSREIQTAVRLLLPGELAKHAVSEGTKAVTKYTSAK
;
D
5 'polydeoxyribonucleotide'
;(DA)(DT)(DC)(DA)(DG)(DA)(DA)(DT)(DC)(DC)(DC)(DG)(DG)(DT)(DG)(DC)(DC)(DG)(DA)(DG)
(DG)(DC)(DC)(DG)(DC)(DT)(DC)(DA)(DA)(DT)(DT)(DG)(DG)(DT)(DC)(DG)(DT)(DA)(DG)(DA)
(DC)(DA)(DG)(DC)(DT)(DC)(DT)(DA)(DG)(DC)(DA)(DC)(DC)(DG)(DC)(DT)(DT)(DA)(DA)(DA)
(DC)(DG)(DC)(DA)(DC)(DG)(DT)(DA)(DC)(DG)(DC)(DG)(DC)(DT)(DG)(DT)(DC)(DC)(DC)(DC)
(DC)(DG)(DC)(DG)(DT)(DT)(DT)(DT)(DA)(DA)(DC)(DC)(DG)(DC)(DC)(DA)(DA)(DG)(DG)(DG)
(DG)(DA)(DT)(DT)(DA)(DC)(DT)(DC)(DC)(DC)(DT)(DA)(DG)(DT)(DC)(DT)(DC)(DC)(DA)(DG)
(DG)(DC)(DA)(DC)(DG)(DT)(DG)(DT)(DC)(DA)(DG)(DA)(DT)(DA)(DT)(DA)(DT)(DA)(DC)(DA)
(DT)(DC)(DG)(DA)(DT)
;
I
6 'polydeoxyribonucleotide'
;(DA)(DT)(DC)(DG)(DA)(DT)(DG)(DT)(DA)(DT)(DA)(DT)(DA)(DT)(DC)(DT)(DG)(DA)(DC)(DA)
(DC)(DG)(DT)(DG)(DC)(DC)(DT)(DG)(DG)(DA)(DG)(DA)(DC)(DT)(DA)(DG)(DG)(DG)(DA)(DG)
(DT)(DA)(DA)(DT)(DC)(DC)(DC)(DC)(DT)(DT)(DG)(DG)(DC)(DG)(DG)(DT)(DT)(DA)(DA)(DA)
(DA)(DC)(DG)(DC)(DG)(DG)(DG)(DG)(DG)(DA)(DC)(DA)(DG)(DC)(DG)(DC)(DG)(DT)(DA)(DC)
(DG)(DT)(DG)(DC)(DG)(DT)(DT)(DT)(DA)(DA)(DG)(DC)(DG)(DG)(DT)(DG)(DC)(DT)(DA)(DG)
(DA)(DG)(DC)(DT)(DG)(DT)(DC)(DT)(DA)(DC)(DG)(DA)(DC)(DC)(DA)(DA)(DT)(DT)(DG)(DA)
(DG)(DC)(DG)(DG)(DC)(DC)(DT)(DC)(DG)(DG)(DC)(DA)(DC)(DC)(DG)(DG)(DG)(DA)(DT)(DT)
(DC)(DT)(DG)(DA)(DT)
;
J
7 'polypeptide(L)' EKASQEGRSLRNKGSVLIPGLVEGSTKRKRVLSPEEK K
#
# COMPACT_ATOMS: atom_id res chain seq x y z
N PRO A 39 4.73 -46.04 -32.86
CA PRO A 39 4.30 -44.68 -32.54
C PRO A 39 3.91 -44.50 -31.08
N HIS A 40 3.75 -43.25 -30.65
CA HIS A 40 3.34 -42.95 -29.28
C HIS A 40 2.52 -41.68 -29.28
N ARG A 41 1.66 -41.54 -28.26
CA ARG A 41 0.70 -40.44 -28.20
C ARG A 41 0.43 -40.20 -26.73
N TYR A 42 0.88 -39.05 -26.22
CA TYR A 42 0.65 -38.70 -24.82
C TYR A 42 -0.81 -38.32 -24.57
N ARG A 43 -1.28 -38.66 -23.37
CA ARG A 43 -2.53 -38.17 -22.85
C ARG A 43 -2.40 -36.71 -22.38
N PRO A 44 -3.48 -35.94 -22.46
CA PRO A 44 -3.41 -34.52 -22.06
C PRO A 44 -2.95 -34.35 -20.62
N GLY A 45 -1.99 -33.44 -20.43
CA GLY A 45 -1.42 -33.16 -19.13
C GLY A 45 -0.21 -33.98 -18.75
N THR A 46 0.25 -34.89 -19.60
CA THR A 46 1.42 -35.69 -19.28
C THR A 46 2.72 -34.97 -19.60
N VAL A 47 2.76 -34.26 -20.73
CA VAL A 47 3.92 -33.45 -21.09
C VAL A 47 3.95 -32.11 -20.35
N ALA A 48 2.79 -31.63 -19.89
CA ALA A 48 2.76 -30.44 -19.03
C ALA A 48 3.73 -30.53 -17.86
N LEU A 49 3.84 -31.72 -17.25
CA LEU A 49 4.82 -31.91 -16.19
C LEU A 49 6.25 -31.81 -16.72
N ARG A 50 6.50 -32.40 -17.89
CA ARG A 50 7.81 -32.26 -18.53
C ARG A 50 8.13 -30.79 -18.83
N GLU A 51 7.14 -30.03 -19.30
CA GLU A 51 7.34 -28.61 -19.53
C GLU A 51 7.56 -27.84 -18.24
N ILE A 52 6.82 -28.18 -17.18
CA ILE A 52 7.05 -27.56 -15.88
C ILE A 52 8.48 -27.79 -15.39
N ARG A 53 9.00 -29.00 -15.58
CA ARG A 53 10.39 -29.27 -15.24
C ARG A 53 11.36 -28.51 -16.16
N ARG A 54 11.19 -28.66 -17.47
CA ARG A 54 12.07 -28.02 -18.45
C ARG A 54 12.24 -26.51 -18.22
N TYR A 55 11.13 -25.79 -18.12
CA TYR A 55 11.19 -24.33 -18.02
C TYR A 55 11.49 -23.81 -16.62
N GLN A 56 11.38 -24.63 -15.57
CA GLN A 56 11.97 -24.23 -14.30
C GLN A 56 13.48 -24.40 -14.29
N LYS A 57 13.99 -25.51 -14.84
CA LYS A 57 15.42 -25.71 -14.93
C LYS A 57 16.07 -24.72 -15.90
N SER A 58 15.43 -24.45 -17.04
CA SER A 58 15.95 -23.48 -17.99
C SER A 58 15.72 -22.06 -17.49
N THR A 59 16.82 -21.31 -17.34
CA THR A 59 16.79 -19.92 -16.92
C THR A 59 16.50 -18.95 -18.06
N GLU A 60 16.52 -19.43 -19.31
CA GLU A 60 16.39 -18.56 -20.47
C GLU A 60 15.07 -17.80 -20.44
N LEU A 61 15.07 -16.64 -21.10
CA LEU A 61 13.87 -15.83 -21.23
C LEU A 61 12.85 -16.52 -22.14
N LEU A 62 11.59 -16.51 -21.71
CA LEU A 62 10.53 -17.29 -22.33
C LEU A 62 9.69 -16.50 -23.32
N ILE A 63 9.67 -15.18 -23.23
CA ILE A 63 9.01 -14.33 -24.21
C ILE A 63 9.98 -14.03 -25.35
N ARG A 64 9.46 -14.00 -26.57
CA ARG A 64 10.24 -13.58 -27.73
C ARG A 64 10.70 -12.13 -27.55
N LYS A 65 11.99 -11.90 -27.75
CA LYS A 65 12.60 -10.63 -27.35
C LYS A 65 12.10 -9.46 -28.18
N LEU A 66 12.05 -9.61 -29.50
CA LEU A 66 11.63 -8.55 -30.41
C LEU A 66 10.16 -8.16 -30.30
N PRO A 67 9.22 -9.11 -30.21
CA PRO A 67 7.83 -8.73 -29.91
C PRO A 67 7.68 -7.95 -28.61
N PHE A 68 8.34 -8.39 -27.54
CA PHE A 68 8.32 -7.65 -26.28
C PHE A 68 8.89 -6.24 -26.43
N GLN A 69 9.99 -6.10 -27.17
CA GLN A 69 10.57 -4.78 -27.39
C GLN A 69 9.60 -3.83 -28.09
N ARG A 70 8.87 -4.31 -29.09
CA ARG A 70 7.86 -3.48 -29.74
C ARG A 70 6.73 -3.11 -28.79
N LEU A 71 6.32 -4.03 -27.91
CA LEU A 71 5.33 -3.72 -26.89
C LEU A 71 5.80 -2.63 -25.94
N VAL A 72 7.04 -2.72 -25.48
CA VAL A 72 7.61 -1.69 -24.61
C VAL A 72 7.56 -0.32 -25.27
N ARG A 73 8.01 -0.25 -26.53
CA ARG A 73 8.00 1.03 -27.25
C ARG A 73 6.58 1.55 -27.47
N GLU A 74 5.63 0.65 -27.75
CA GLU A 74 4.24 1.06 -27.88
C GLU A 74 3.71 1.70 -26.59
N ILE A 75 3.99 1.07 -25.45
CA ILE A 75 3.57 1.65 -24.18
C ILE A 75 4.29 2.98 -23.93
N ALA A 76 5.61 2.99 -24.10
CA ALA A 76 6.41 4.19 -23.86
C ALA A 76 5.94 5.36 -24.72
N GLN A 77 5.50 5.08 -25.95
CA GLN A 77 5.02 6.14 -26.84
C GLN A 77 3.84 6.91 -26.28
N ASP A 78 3.12 6.36 -25.30
CA ASP A 78 2.10 7.15 -24.61
C ASP A 78 2.72 8.15 -23.64
N PHE A 79 3.83 7.79 -22.99
CA PHE A 79 4.42 8.65 -21.97
C PHE A 79 5.35 9.71 -22.54
N LYS A 80 6.08 9.40 -23.60
CA LYS A 80 6.88 10.41 -24.28
C LYS A 80 7.15 9.98 -25.70
N THR A 81 6.86 10.86 -26.66
CA THR A 81 7.16 10.61 -28.06
C THR A 81 8.66 10.56 -28.31
N ASP A 82 9.06 9.68 -29.25
CA ASP A 82 10.44 9.60 -29.74
C ASP A 82 11.42 9.27 -28.62
N LEU A 83 11.01 8.45 -27.67
CA LEU A 83 11.96 7.87 -26.73
C LEU A 83 12.91 6.90 -27.44
N ARG A 84 14.07 6.71 -26.85
CA ARG A 84 14.98 5.64 -27.21
C ARG A 84 15.20 4.73 -26.02
N PHE A 85 15.49 3.46 -26.29
CA PHE A 85 15.77 2.48 -25.25
C PHE A 85 17.14 1.85 -25.46
N GLN A 86 17.96 1.86 -24.41
CA GLN A 86 19.15 1.02 -24.42
C GLN A 86 18.76 -0.45 -24.55
N SER A 87 19.59 -1.20 -25.28
CA SER A 87 19.35 -2.64 -25.43
C SER A 87 19.27 -3.35 -24.07
N SER A 88 20.16 -2.97 -23.14
CA SER A 88 20.09 -3.52 -21.78
C SER A 88 18.85 -3.06 -21.01
N ALA A 89 18.30 -1.89 -21.33
CA ALA A 89 17.09 -1.45 -20.65
C ALA A 89 15.90 -2.33 -21.01
N VAL A 90 15.74 -2.68 -22.28
CA VAL A 90 14.66 -3.56 -22.69
C VAL A 90 14.81 -4.94 -22.08
N MET A 91 16.05 -5.46 -22.04
CA MET A 91 16.30 -6.74 -21.39
C MET A 91 16.02 -6.70 -19.90
N ALA A 92 16.34 -5.58 -19.25
CA ALA A 92 15.96 -5.40 -17.84
C ALA A 92 14.45 -5.48 -17.64
N LEU A 93 13.69 -4.79 -18.49
CA LEU A 93 12.23 -4.87 -18.42
C LEU A 93 11.71 -6.29 -18.63
N GLN A 94 12.29 -7.03 -19.58
CA GLN A 94 11.83 -8.39 -19.85
C GLN A 94 12.15 -9.34 -18.70
N GLU A 95 13.36 -9.26 -18.15
CA GLU A 95 13.71 -10.06 -16.98
C GLU A 95 12.74 -9.82 -15.82
N ALA A 96 12.44 -8.56 -15.54
CA ALA A 96 11.47 -8.23 -14.48
C ALA A 96 10.06 -8.71 -14.82
N SER A 97 9.62 -8.50 -16.06
CA SER A 97 8.27 -8.90 -16.45
C SER A 97 8.08 -10.41 -16.40
N GLU A 98 9.05 -11.19 -16.86
CA GLU A 98 8.93 -12.64 -16.74
C GLU A 98 8.99 -13.10 -15.30
N ALA A 99 9.85 -12.50 -14.48
CA ALA A 99 9.87 -12.80 -13.05
C ALA A 99 8.54 -12.46 -12.40
N TYR A 100 7.97 -11.31 -12.72
CA TYR A 100 6.66 -10.93 -12.18
C TYR A 100 5.56 -11.90 -12.56
N LEU A 101 5.45 -12.24 -13.85
CA LEU A 101 4.41 -13.16 -14.28
C LEU A 101 4.59 -14.57 -13.71
N VAL A 102 5.81 -15.07 -13.64
CA VAL A 102 6.05 -16.38 -13.04
C VAL A 102 5.60 -16.39 -11.58
N ALA A 103 6.01 -15.38 -10.82
CA ALA A 103 5.59 -15.29 -9.42
C ALA A 103 4.08 -15.20 -9.26
N LEU A 104 3.41 -14.41 -10.10
CA LEU A 104 1.96 -14.33 -10.06
C LEU A 104 1.29 -15.65 -10.41
N PHE A 105 1.83 -16.38 -11.40
CA PHE A 105 1.29 -17.69 -11.73
C PHE A 105 1.45 -18.70 -10.61
N GLU A 106 2.50 -18.60 -9.79
CA GLU A 106 2.59 -19.43 -8.60
C GLU A 106 1.45 -19.14 -7.63
N ASP A 107 1.21 -17.86 -7.32
CA ASP A 107 0.10 -17.51 -6.45
C ASP A 107 -1.24 -17.89 -7.07
N THR A 108 -1.38 -17.73 -8.39
CA THR A 108 -2.57 -18.17 -9.09
C THR A 108 -2.79 -19.68 -8.97
N ASN A 109 -1.71 -20.46 -9.09
CA ASN A 109 -1.83 -21.91 -8.94
C ASN A 109 -2.28 -22.31 -7.55
N LEU A 110 -1.80 -21.62 -6.51
CA LEU A 110 -2.29 -21.87 -5.16
C LEU A 110 -3.77 -21.58 -5.03
N ALA A 111 -4.23 -20.46 -5.59
CA ALA A 111 -5.65 -20.14 -5.56
C ALA A 111 -6.50 -21.22 -6.24
N ALA A 112 -6.03 -21.71 -7.40
CA ALA A 112 -6.73 -22.81 -8.06
C ALA A 112 -6.76 -24.06 -7.19
N ILE A 113 -5.61 -24.42 -6.60
CA ILE A 113 -5.56 -25.60 -5.74
C ILE A 113 -6.46 -25.42 -4.52
N HIS A 114 -6.55 -24.19 -4.00
CA HIS A 114 -7.45 -23.91 -2.88
C HIS A 114 -8.91 -24.14 -3.26
N ALA A 115 -9.29 -23.79 -4.48
CA ALA A 115 -10.61 -24.15 -4.99
C ALA A 115 -10.74 -25.63 -5.32
N LYS A 116 -9.71 -26.43 -5.05
CA LYS A 116 -9.65 -27.83 -5.47
C LYS A 116 -9.85 -27.97 -6.97
N ARG A 117 -9.21 -27.08 -7.72
CA ARG A 117 -9.15 -27.17 -9.18
C ARG A 117 -7.71 -27.38 -9.62
N VAL A 118 -7.55 -28.07 -10.73
CA VAL A 118 -6.26 -28.11 -11.42
C VAL A 118 -6.11 -26.94 -12.39
N THR A 119 -7.15 -26.66 -13.17
CA THR A 119 -7.11 -25.59 -14.15
C THR A 119 -7.18 -24.23 -13.46
N ILE A 120 -6.19 -23.37 -13.72
CA ILE A 120 -6.24 -21.99 -13.30
C ILE A 120 -7.22 -21.22 -14.18
N MET A 121 -7.88 -20.22 -13.59
CA MET A 121 -8.93 -19.47 -14.25
C MET A 121 -8.79 -18.00 -13.88
N PRO A 122 -9.43 -17.09 -14.63
CA PRO A 122 -9.26 -15.66 -14.35
C PRO A 122 -9.58 -15.24 -12.93
N LYS A 123 -10.62 -15.82 -12.32
CA LYS A 123 -10.92 -15.54 -10.92
C LYS A 123 -9.76 -15.90 -10.00
N ASP A 124 -8.93 -16.86 -10.40
CA ASP A 124 -7.76 -17.20 -9.57
C ASP A 124 -6.69 -16.11 -9.67
N ILE A 125 -6.48 -15.56 -10.86
CA ILE A 125 -5.59 -14.40 -11.00
C ILE A 125 -6.14 -13.22 -10.22
N GLN A 126 -7.44 -12.94 -10.37
CA GLN A 126 -8.05 -11.80 -9.70
C GLN A 126 -8.00 -11.94 -8.18
N LEU A 127 -8.20 -13.15 -7.67
CA LEU A 127 -8.00 -13.38 -6.23
C LEU A 127 -6.56 -13.14 -5.82
N ALA A 128 -5.61 -13.73 -6.55
CA ALA A 128 -4.20 -13.57 -6.20
C ALA A 128 -3.78 -12.10 -6.20
N ARG A 129 -4.20 -11.36 -7.22
CA ARG A 129 -3.91 -9.93 -7.29
C ARG A 129 -4.59 -9.17 -6.16
N ARG A 130 -5.86 -9.49 -5.88
CA ARG A 130 -6.57 -8.85 -4.79
C ARG A 130 -5.91 -9.12 -3.43
N ILE A 131 -5.53 -10.37 -3.18
CA ILE A 131 -4.90 -10.68 -1.89
C ILE A 131 -3.50 -10.09 -1.80
N ARG A 132 -2.80 -9.95 -2.93
CA ARG A 132 -1.59 -9.14 -2.95
C ARG A 132 -1.86 -7.66 -2.72
N GLY A 133 -3.10 -7.22 -2.89
CA GLY A 133 -3.42 -5.81 -2.83
C GLY A 133 -3.16 -5.04 -4.09
N GLU A 134 -2.94 -5.71 -5.22
CA GLU A 134 -2.83 -5.03 -6.49
C GLU A 134 -4.19 -4.49 -6.93
N ARG A 135 -4.15 -3.39 -7.68
CA ARG A 135 -5.36 -2.79 -8.23
C ARG A 135 -5.50 -3.12 -9.72
N ARG B 20 10.55 6.80 -35.81
CA ARG B 20 9.71 7.51 -36.77
C ARG B 20 8.50 6.69 -37.19
N LYS B 21 7.89 6.00 -36.22
CA LYS B 21 6.80 5.09 -36.50
C LYS B 21 5.84 5.09 -35.31
N VAL B 22 4.64 4.57 -35.55
CA VAL B 22 3.63 4.37 -34.51
C VAL B 22 3.29 2.89 -34.43
N LEU B 23 3.05 2.41 -33.21
CA LEU B 23 2.91 0.99 -32.93
C LEU B 23 1.52 0.75 -32.35
N ARG B 24 0.92 -0.39 -32.73
CA ARG B 24 -0.38 -0.77 -32.17
C ARG B 24 -0.50 -2.29 -32.16
N ASP B 25 -1.31 -2.79 -31.24
CA ASP B 25 -1.69 -4.21 -31.12
C ASP B 25 -0.52 -5.13 -30.80
N ASN B 26 0.63 -4.58 -30.38
CA ASN B 26 1.79 -5.41 -30.11
C ASN B 26 1.62 -6.28 -28.88
N ILE B 27 0.61 -6.02 -28.04
CA ILE B 27 0.33 -6.87 -26.90
C ILE B 27 -0.02 -8.29 -27.34
N GLN B 28 -0.62 -8.43 -28.52
CA GLN B 28 -0.87 -9.75 -29.10
C GLN B 28 0.42 -10.46 -29.52
N GLY B 29 1.54 -9.74 -29.58
CA GLY B 29 2.83 -10.37 -29.76
C GLY B 29 3.30 -11.18 -28.56
N ILE B 30 2.68 -10.99 -27.39
CA ILE B 30 2.88 -11.92 -26.28
C ILE B 30 2.06 -13.18 -26.54
N THR B 31 2.66 -14.13 -27.23
CA THR B 31 1.95 -15.26 -27.81
C THR B 31 1.36 -16.16 -26.73
N LYS B 32 0.30 -16.87 -27.12
CA LYS B 32 -0.30 -17.90 -26.28
C LYS B 32 0.69 -18.94 -25.76
N PRO B 33 1.54 -19.56 -26.58
CA PRO B 33 2.55 -20.47 -26.02
C PRO B 33 3.59 -19.80 -25.14
N ALA B 34 3.91 -18.53 -25.37
CA ALA B 34 4.80 -17.82 -24.45
C ALA B 34 4.18 -17.68 -23.06
N ILE B 35 2.91 -17.29 -23.00
CA ILE B 35 2.22 -17.21 -21.72
C ILE B 35 2.16 -18.58 -21.06
N ARG B 36 1.89 -19.62 -21.84
CA ARG B 36 1.93 -20.98 -21.34
C ARG B 36 3.29 -21.34 -20.75
N ARG B 37 4.37 -20.98 -21.44
CA ARG B 37 5.71 -21.27 -20.91
C ARG B 37 5.95 -20.60 -19.56
N LEU B 38 5.53 -19.34 -19.41
CA LEU B 38 5.67 -18.66 -18.12
C LEU B 38 4.85 -19.36 -17.04
N ALA B 39 3.61 -19.72 -17.36
CA ALA B 39 2.76 -20.46 -16.43
C ALA B 39 3.35 -21.82 -16.08
N ARG B 40 3.91 -22.54 -17.06
CA ARG B 40 4.54 -23.82 -16.77
C ARG B 40 5.73 -23.65 -15.82
N ARG B 41 6.57 -22.64 -16.03
CA ARG B 41 7.62 -22.34 -15.06
C ARG B 41 7.02 -22.00 -13.69
N GLY B 42 5.88 -21.32 -13.68
CA GLY B 42 5.13 -21.09 -12.46
C GLY B 42 4.45 -22.32 -11.89
N GLY B 43 4.71 -23.49 -12.46
CA GLY B 43 4.13 -24.72 -11.95
C GLY B 43 2.70 -24.99 -12.36
N VAL B 44 2.14 -24.18 -13.25
CA VAL B 44 0.73 -24.33 -13.60
C VAL B 44 0.56 -25.59 -14.46
N LYS B 45 -0.24 -26.53 -13.97
CA LYS B 45 -0.45 -27.79 -14.67
C LYS B 45 -1.42 -27.67 -15.84
N ARG B 46 -2.45 -26.84 -15.70
CA ARG B 46 -3.49 -26.75 -16.73
C ARG B 46 -4.05 -25.34 -16.75
N ILE B 47 -4.35 -24.84 -17.95
CA ILE B 47 -4.58 -23.42 -18.19
C ILE B 47 -5.86 -23.24 -18.98
N SER B 48 -6.86 -22.60 -18.37
CA SER B 48 -8.07 -22.25 -19.10
C SER B 48 -7.80 -21.12 -20.09
N GLY B 49 -8.38 -21.24 -21.28
CA GLY B 49 -8.06 -20.31 -22.36
C GLY B 49 -8.34 -18.85 -22.05
N LEU B 50 -9.23 -18.57 -21.11
CA LEU B 50 -9.47 -17.20 -20.66
C LEU B 50 -8.30 -16.59 -19.91
N ILE B 51 -7.34 -17.41 -19.45
CA ILE B 51 -6.14 -16.89 -18.79
C ILE B 51 -5.32 -16.01 -19.73
N TYR B 52 -5.34 -16.30 -21.03
CA TYR B 52 -4.44 -15.62 -21.96
C TYR B 52 -4.75 -14.14 -22.09
N GLU B 53 -6.02 -13.78 -22.33
CA GLU B 53 -6.38 -12.37 -22.34
C GLU B 53 -6.26 -11.74 -20.96
N GLU B 54 -6.52 -12.50 -19.90
CA GLU B 54 -6.31 -11.99 -18.55
C GLU B 54 -4.84 -11.68 -18.27
N THR B 55 -3.94 -12.57 -18.67
CA THR B 55 -2.51 -12.35 -18.46
C THR B 55 -1.97 -11.18 -19.28
N ARG B 56 -2.45 -11.01 -20.51
CA ARG B 56 -2.06 -9.85 -21.31
C ARG B 56 -2.44 -8.53 -20.62
N GLY B 57 -3.68 -8.46 -20.11
CA GLY B 57 -4.08 -7.27 -19.37
C GLY B 57 -3.24 -7.00 -18.14
N VAL B 58 -2.95 -8.05 -17.36
CA VAL B 58 -2.10 -7.91 -16.18
C VAL B 58 -0.69 -7.45 -16.54
N LEU B 59 -0.09 -8.07 -17.55
CA LEU B 59 1.24 -7.66 -17.99
C LEU B 59 1.26 -6.21 -18.48
N LYS B 60 0.25 -5.81 -19.26
CA LYS B 60 0.19 -4.44 -19.75
C LYS B 60 0.09 -3.42 -18.63
N VAL B 61 -0.70 -3.72 -17.60
CA VAL B 61 -0.76 -2.86 -16.41
C VAL B 61 0.59 -2.79 -15.70
N PHE B 62 1.25 -3.93 -15.53
CA PHE B 62 2.57 -3.93 -14.90
C PHE B 62 3.58 -3.09 -15.69
N LEU B 63 3.68 -3.32 -17.00
CA LEU B 63 4.60 -2.56 -17.82
C LEU B 63 4.29 -1.07 -17.84
N GLU B 64 3.01 -0.71 -17.88
CA GLU B 64 2.63 0.71 -17.82
C GLU B 64 3.16 1.39 -16.56
N ASN B 65 3.02 0.74 -15.41
CA ASN B 65 3.51 1.32 -14.16
C ASN B 65 5.03 1.46 -14.15
N VAL B 66 5.76 0.41 -14.56
CA VAL B 66 7.22 0.47 -14.55
C VAL B 66 7.74 1.48 -15.58
N ILE B 67 7.19 1.48 -16.80
CA ILE B 67 7.70 2.36 -17.84
C ILE B 67 7.40 3.82 -17.52
N ARG B 68 6.22 4.11 -16.95
CA ARG B 68 5.91 5.48 -16.54
C ARG B 68 6.95 6.03 -15.57
N ASP B 69 7.37 5.22 -14.61
CA ASP B 69 8.42 5.67 -13.68
C ASP B 69 9.77 5.83 -14.38
N ALA B 70 10.15 4.86 -15.20
CA ALA B 70 11.42 4.94 -15.92
C ALA B 70 11.48 6.14 -16.85
N VAL B 71 10.36 6.47 -17.51
CA VAL B 71 10.31 7.68 -18.32
C VAL B 71 10.42 8.94 -17.45
N THR B 72 9.80 8.92 -16.26
CA THR B 72 9.92 10.05 -15.36
C THR B 72 11.36 10.26 -14.91
N TYR B 73 12.06 9.19 -14.54
CA TYR B 73 13.49 9.29 -14.26
C TYR B 73 14.27 9.78 -15.47
N THR B 74 13.92 9.31 -16.66
CA THR B 74 14.60 9.75 -17.88
C THR B 74 14.38 11.22 -18.17
N GLU B 75 13.13 11.69 -18.07
CA GLU B 75 12.85 13.10 -18.27
C GLU B 75 13.53 13.98 -17.22
N HIS B 76 13.54 13.56 -15.96
CA HIS B 76 14.23 14.35 -14.94
C HIS B 76 15.71 14.46 -15.22
N ALA B 77 16.36 13.37 -15.64
CA ALA B 77 17.74 13.43 -16.09
C ALA B 77 17.92 14.21 -17.39
N LYS B 78 16.83 14.72 -17.97
CA LYS B 78 16.83 15.40 -19.26
C LYS B 78 17.37 14.54 -20.39
N ARG B 79 17.39 13.23 -20.20
CA ARG B 79 17.82 12.35 -21.27
C ARG B 79 16.66 12.06 -22.21
N LYS B 80 16.99 11.69 -23.45
CA LYS B 80 16.03 11.07 -24.34
C LYS B 80 16.10 9.54 -24.36
N THR B 81 17.24 8.96 -24.01
CA THR B 81 17.37 7.51 -23.93
C THR B 81 17.00 7.03 -22.53
N VAL B 82 16.03 6.11 -22.47
CA VAL B 82 15.78 5.34 -21.26
C VAL B 82 16.91 4.34 -21.04
N THR B 83 17.58 4.44 -19.91
CA THR B 83 18.71 3.57 -19.59
C THR B 83 18.27 2.42 -18.69
N ALA B 84 19.15 1.42 -18.59
CA ALA B 84 18.95 0.33 -17.63
C ALA B 84 18.85 0.83 -16.20
N MET B 85 19.56 1.92 -15.87
CA MET B 85 19.45 2.50 -14.52
C MET B 85 18.06 3.05 -14.26
N ASP B 86 17.45 3.71 -15.25
CA ASP B 86 16.09 4.20 -15.09
C ASP B 86 15.11 3.07 -14.83
N VAL B 87 15.31 1.93 -15.49
CA VAL B 87 14.47 0.76 -15.24
C VAL B 87 14.73 0.18 -13.86
N VAL B 88 16.00 0.07 -13.46
CA VAL B 88 16.34 -0.44 -12.14
C VAL B 88 15.70 0.41 -11.04
N TYR B 89 15.81 1.74 -11.15
CA TYR B 89 15.16 2.61 -10.18
C TYR B 89 13.64 2.49 -10.23
N ALA B 90 13.06 2.44 -11.42
CA ALA B 90 11.61 2.24 -11.54
C ALA B 90 11.16 0.93 -10.91
N LEU B 91 11.97 -0.11 -11.02
CA LEU B 91 11.65 -1.38 -10.36
C LEU B 91 11.87 -1.33 -8.86
N LYS B 92 12.95 -0.67 -8.42
CA LYS B 92 13.20 -0.46 -7.00
C LYS B 92 12.05 0.26 -6.31
N ARG B 93 11.42 1.22 -6.99
CA ARG B 93 10.25 1.89 -6.43
C ARG B 93 9.11 0.92 -6.12
N GLN B 94 9.01 -0.19 -6.84
CA GLN B 94 7.98 -1.18 -6.56
C GLN B 94 8.38 -2.17 -5.47
N GLY B 95 9.60 -2.10 -4.97
CA GLY B 95 10.15 -3.18 -4.18
C GLY B 95 10.54 -4.41 -4.96
N ARG B 96 10.45 -4.36 -6.28
CA ARG B 96 10.79 -5.46 -7.18
C ARG B 96 12.19 -5.30 -7.74
N THR B 97 13.11 -4.84 -6.89
CA THR B 97 14.47 -4.49 -7.30
C THR B 97 15.12 -5.60 -8.10
N LEU B 98 15.71 -5.23 -9.23
CA LEU B 98 16.33 -6.17 -10.16
C LEU B 98 17.84 -5.97 -10.11
N TYR B 99 18.56 -7.03 -9.76
CA TYR B 99 19.98 -6.97 -9.46
C TYR B 99 20.84 -7.23 -10.70
N GLY B 100 22.11 -6.85 -10.59
CA GLY B 100 23.10 -7.01 -11.64
C GLY B 100 23.09 -5.96 -12.74
N PHE B 101 21.92 -5.37 -13.03
CA PHE B 101 21.88 -4.29 -14.00
C PHE B 101 22.44 -2.98 -13.45
N GLY B 102 22.76 -2.92 -12.16
CA GLY B 102 23.45 -1.80 -11.56
C GLY B 102 22.77 -1.35 -10.29
N GLY B 103 23.17 -0.18 -9.81
CA GLY B 103 22.57 0.42 -8.63
C GLY B 103 22.93 1.87 -8.45
N LYS C 16 5.15 39.52 3.38
CA LYS C 16 6.40 39.42 4.14
C LYS C 16 6.95 38.01 4.12
N THR C 17 6.46 37.18 5.04
CA THR C 17 6.93 35.80 5.13
C THR C 17 6.68 35.05 3.83
N ARG C 18 7.50 34.04 3.58
CA ARG C 18 7.50 33.36 2.29
C ARG C 18 6.16 32.68 2.00
N SER C 19 5.48 32.17 3.02
CA SER C 19 4.14 31.62 2.82
C SER C 19 3.19 32.68 2.27
N SER C 20 3.27 33.91 2.80
CA SER C 20 2.43 34.99 2.25
C SER C 20 2.87 35.39 0.85
N ARG C 21 4.16 35.25 0.54
CA ARG C 21 4.61 35.47 -0.84
C ARG C 21 4.09 34.37 -1.77
N ALA C 22 4.13 33.12 -1.32
CA ALA C 22 3.67 32.00 -2.13
C ALA C 22 2.15 31.90 -2.20
N GLY C 23 1.43 32.59 -1.33
CA GLY C 23 0.00 32.42 -1.25
C GLY C 23 -0.41 31.13 -0.59
N LEU C 24 0.36 30.68 0.42
CA LEU C 24 0.14 29.40 1.08
C LEU C 24 -0.21 29.65 2.53
N GLN C 25 -0.99 28.73 3.10
CA GLN C 25 -1.10 28.64 4.55
C GLN C 25 0.06 27.88 5.18
N PHE C 26 0.49 26.79 4.55
CA PHE C 26 1.55 25.96 5.11
C PHE C 26 2.88 26.71 5.22
N PRO C 27 3.71 26.34 6.20
CA PRO C 27 4.87 27.18 6.56
C PRO C 27 6.09 26.90 5.70
N VAL C 28 6.29 27.72 4.67
CA VAL C 28 7.43 27.53 3.76
C VAL C 28 8.76 27.56 4.53
N GLY C 29 8.91 28.51 5.45
CA GLY C 29 10.14 28.60 6.21
C GLY C 29 10.43 27.37 7.06
N ARG C 30 9.39 26.79 7.68
CA ARG C 30 9.60 25.59 8.48
C ARG C 30 9.86 24.36 7.61
N VAL C 31 9.18 24.25 6.47
CA VAL C 31 9.48 23.21 5.51
C VAL C 31 10.94 23.31 5.04
N HIS C 32 11.41 24.52 4.80
CA HIS C 32 12.82 24.72 4.43
C HIS C 32 13.75 24.26 5.55
N ARG C 33 13.45 24.62 6.79
CA ARG C 33 14.24 24.16 7.93
C ARG C 33 14.29 22.63 8.01
N LEU C 34 13.14 21.98 7.84
CA LEU C 34 13.10 20.51 7.91
C LEU C 34 13.86 19.86 6.76
N LEU C 35 13.79 20.44 5.56
CA LEU C 35 14.59 19.94 4.44
C LEU C 35 16.08 20.03 4.73
N ARG C 36 16.53 21.14 5.32
CA ARG C 36 17.93 21.27 5.72
C ARG C 36 18.32 20.23 6.77
N LYS C 37 17.62 20.24 7.91
CA LYS C 37 18.00 19.39 9.04
C LYS C 37 17.74 17.91 8.80
N GLY C 38 16.90 17.55 7.83
CA GLY C 38 16.76 16.15 7.47
C GLY C 38 17.94 15.57 6.71
N ASN C 39 18.92 16.40 6.35
CA ASN C 39 20.10 15.97 5.60
C ASN C 39 19.74 15.34 4.26
N TYR C 40 18.60 15.74 3.69
CA TYR C 40 18.16 15.13 2.43
C TYR C 40 19.09 15.48 1.28
N ALA C 41 19.78 16.61 1.35
CA ALA C 41 20.83 16.93 0.40
C ALA C 41 21.78 17.94 1.03
N GLU C 42 22.95 18.07 0.41
CA GLU C 42 23.94 19.01 0.92
C GLU C 42 23.46 20.45 0.85
N ARG C 43 22.53 20.74 -0.06
CA ARG C 43 21.90 22.06 -0.08
C ARG C 43 20.49 21.92 -0.63
N VAL C 44 19.64 22.89 -0.29
CA VAL C 44 18.22 22.89 -0.61
C VAL C 44 17.91 24.18 -1.35
N GLY C 45 17.41 24.05 -2.59
CA GLY C 45 17.14 25.21 -3.39
C GLY C 45 15.92 25.99 -2.91
N ALA C 46 15.95 27.30 -3.17
CA ALA C 46 14.97 28.22 -2.60
C ALA C 46 13.55 27.93 -3.08
N GLY C 47 13.40 27.36 -4.28
CA GLY C 47 12.08 26.95 -4.75
C GLY C 47 11.58 25.64 -4.19
N ALA C 48 12.46 24.80 -3.65
CA ALA C 48 12.03 23.50 -3.14
C ALA C 48 11.02 23.60 -2.01
N PRO C 49 11.22 24.39 -0.95
CA PRO C 49 10.20 24.44 0.10
C PRO C 49 8.90 25.10 -0.33
N VAL C 50 8.94 26.04 -1.26
CA VAL C 50 7.70 26.64 -1.75
C VAL C 50 6.85 25.61 -2.49
N TYR C 51 7.48 24.82 -3.36
CA TYR C 51 6.76 23.78 -4.09
C TYR C 51 6.23 22.71 -3.14
N LEU C 52 7.06 22.23 -2.22
CA LEU C 52 6.65 21.16 -1.32
C LEU C 52 5.53 21.60 -0.37
N ALA C 53 5.62 22.82 0.16
CA ALA C 53 4.52 23.35 0.98
C ALA C 53 3.21 23.40 0.21
N ALA C 54 3.25 23.83 -1.06
CA ALA C 54 2.04 23.86 -1.87
C ALA C 54 1.45 22.47 -2.09
N VAL C 55 2.31 21.46 -2.23
CA VAL C 55 1.82 20.10 -2.40
C VAL C 55 1.20 19.56 -1.12
N LEU C 56 1.86 19.79 0.02
CA LEU C 56 1.30 19.36 1.31
C LEU C 56 0.00 20.09 1.64
N GLU C 57 -0.09 21.38 1.32
CA GLU C 57 -1.35 22.10 1.47
C GLU C 57 -2.46 21.52 0.60
N TYR C 58 -2.15 21.22 -0.66
CA TYR C 58 -3.16 20.62 -1.55
C TYR C 58 -3.68 19.30 -1.01
N LEU C 59 -2.79 18.38 -0.67
CA LEU C 59 -3.20 17.08 -0.14
C LEU C 59 -3.97 17.20 1.16
N THR C 60 -3.59 18.15 2.02
CA THR C 60 -4.37 18.43 3.22
C THR C 60 -5.79 18.88 2.87
N ALA C 61 -5.91 19.83 1.94
CA ALA C 61 -7.22 20.29 1.49
C ALA C 61 -8.03 19.17 0.86
N GLU C 62 -7.39 18.29 0.09
CA GLU C 62 -8.10 17.20 -0.57
C GLU C 62 -8.73 16.23 0.42
N ILE C 63 -7.99 15.82 1.46
CA ILE C 63 -8.58 14.97 2.48
C ILE C 63 -9.66 15.71 3.28
N LEU C 64 -9.36 16.92 3.73
CA LEU C 64 -10.31 17.64 4.58
C LEU C 64 -11.61 17.97 3.85
N GLU C 65 -11.53 18.26 2.55
CA GLU C 65 -12.75 18.41 1.76
C GLU C 65 -13.65 17.18 1.85
N LEU C 66 -13.08 16.01 1.59
CA LEU C 66 -13.86 14.77 1.61
C LEU C 66 -14.32 14.40 3.02
N ALA C 67 -13.46 14.60 4.01
CA ALA C 67 -13.83 14.29 5.39
C ALA C 67 -14.93 15.24 5.91
N GLY C 68 -14.87 16.50 5.50
CA GLY C 68 -15.96 17.41 5.83
C GLY C 68 -17.31 16.96 5.29
N ASN C 69 -17.33 16.43 4.06
CA ASN C 69 -18.56 15.86 3.52
C ASN C 69 -18.98 14.61 4.28
N ALA C 70 -18.03 13.72 4.59
CA ALA C 70 -18.34 12.54 5.38
C ALA C 70 -18.89 12.91 6.76
N ALA C 71 -18.36 13.98 7.35
CA ALA C 71 -18.90 14.47 8.62
C ALA C 71 -20.34 14.94 8.47
N ARG C 72 -20.62 15.73 7.42
CA ARG C 72 -21.98 16.18 7.15
C ARG C 72 -22.94 15.01 6.96
N ASP C 73 -22.50 13.95 6.25
CA ASP C 73 -23.32 12.77 6.09
C ASP C 73 -23.64 12.08 7.42
N ASN C 74 -22.82 12.26 8.44
CA ASN C 74 -23.11 11.76 9.78
C ASN C 74 -23.70 12.83 10.68
N LYS C 75 -24.14 13.95 10.12
CA LYS C 75 -24.71 15.09 10.84
C LYS C 75 -23.73 15.74 11.82
N LYS C 76 -22.47 15.31 11.82
CA LYS C 76 -21.50 15.88 12.75
C LYS C 76 -20.96 17.19 12.21
N THR C 77 -20.58 18.08 13.13
CA THR C 77 -19.85 19.29 12.78
C THR C 77 -18.35 19.16 12.92
N ARG C 78 -17.86 18.21 13.74
CA ARG C 78 -16.44 18.02 13.94
C ARG C 78 -15.99 16.75 13.22
N ILE C 79 -14.92 16.87 12.44
CA ILE C 79 -14.27 15.71 11.83
C ILE C 79 -13.65 14.83 12.90
N ILE C 80 -13.89 13.53 12.80
CA ILE C 80 -13.31 12.53 13.70
C ILE C 80 -12.67 11.45 12.83
N PRO C 81 -11.82 10.60 13.41
CA PRO C 81 -11.09 9.62 12.59
C PRO C 81 -11.97 8.73 11.74
N ARG C 82 -13.18 8.41 12.20
CA ARG C 82 -14.18 7.75 11.36
C ARG C 82 -14.33 8.45 10.01
N HIS C 83 -14.43 9.79 10.03
CA HIS C 83 -14.64 10.53 8.79
C HIS C 83 -13.37 10.61 7.94
N LEU C 84 -12.20 10.59 8.56
CA LEU C 84 -10.95 10.52 7.80
C LEU C 84 -10.79 9.16 7.11
N GLN C 85 -11.09 8.08 7.82
CA GLN C 85 -11.07 6.76 7.19
C GLN C 85 -12.08 6.65 6.06
N LEU C 86 -13.31 7.14 6.28
CA LEU C 86 -14.29 7.16 5.21
C LEU C 86 -13.85 7.99 4.02
N ALA C 87 -13.28 9.17 4.28
CA ALA C 87 -12.80 10.03 3.21
C ALA C 87 -11.68 9.38 2.40
N VAL C 88 -10.71 8.77 3.09
CA VAL C 88 -9.59 8.13 2.40
C VAL C 88 -10.06 6.91 1.61
N ARG C 89 -10.76 5.99 2.26
CA ARG C 89 -11.04 4.70 1.64
C ARG C 89 -12.12 4.77 0.58
N ASN C 90 -12.98 5.78 0.61
CA ASN C 90 -13.94 5.99 -0.48
C ASN C 90 -13.35 6.72 -1.68
N ASP C 91 -12.13 7.26 -1.58
CA ASP C 91 -11.52 7.99 -2.69
C ASP C 91 -10.40 7.16 -3.31
N GLU C 92 -10.46 6.99 -4.63
CA GLU C 92 -9.63 6.03 -5.33
C GLU C 92 -8.14 6.34 -5.20
N GLU C 93 -7.74 7.56 -5.56
CA GLU C 93 -6.33 7.94 -5.45
C GLU C 93 -5.84 8.03 -4.00
N LEU C 94 -6.64 8.60 -3.10
CA LEU C 94 -6.20 8.68 -1.71
C LEU C 94 -6.05 7.30 -1.09
N ASN C 95 -6.95 6.37 -1.42
CA ASN C 95 -6.79 5.00 -0.94
C ASN C 95 -5.52 4.36 -1.49
N LYS C 96 -5.16 4.68 -2.74
CA LYS C 96 -3.91 4.16 -3.29
C LYS C 96 -2.70 4.80 -2.63
N LEU C 97 -2.76 6.10 -2.33
CA LEU C 97 -1.68 6.76 -1.61
C LEU C 97 -1.53 6.21 -0.20
N LEU C 98 -2.64 5.94 0.48
CA LEU C 98 -2.64 5.52 1.88
C LEU C 98 -2.91 4.02 2.04
N GLY C 99 -2.60 3.22 1.01
CA GLY C 99 -2.93 1.81 1.05
C GLY C 99 -2.20 1.05 2.14
N ARG C 100 -0.99 1.47 2.48
CA ARG C 100 -0.22 0.86 3.57
C ARG C 100 -0.36 1.60 4.89
N VAL C 101 -1.29 2.55 4.99
CA VAL C 101 -1.49 3.32 6.20
C VAL C 101 -2.73 2.81 6.92
N THR C 102 -2.61 2.61 8.23
CA THR C 102 -3.74 2.35 9.10
C THR C 102 -4.06 3.60 9.92
N ILE C 103 -5.34 3.92 10.03
CA ILE C 103 -5.80 5.11 10.74
C ILE C 103 -6.42 4.66 12.06
N ALA C 104 -5.86 5.17 13.16
CA ALA C 104 -6.38 4.87 14.49
C ALA C 104 -7.84 5.30 14.60
N GLN C 105 -8.64 4.46 15.26
CA GLN C 105 -10.09 4.67 15.43
C GLN C 105 -10.82 4.86 14.10
N GLY C 106 -10.23 4.41 13.00
CA GLY C 106 -10.86 4.62 11.71
C GLY C 106 -11.99 3.66 11.41
N GLY C 107 -11.90 2.42 11.90
CA GLY C 107 -12.81 1.37 11.50
C GLY C 107 -12.56 0.89 10.08
N VAL C 108 -13.61 0.34 9.47
CA VAL C 108 -13.56 -0.14 8.09
C VAL C 108 -14.80 0.33 7.35
N LEU C 109 -14.71 0.30 6.02
CA LEU C 109 -15.88 0.59 5.19
C LEU C 109 -16.94 -0.49 5.39
N PRO C 110 -18.21 -0.10 5.51
CA PRO C 110 -19.31 -1.08 5.47
C PRO C 110 -19.31 -1.86 4.16
N ASN C 111 -19.13 -3.17 4.26
CA ASN C 111 -18.96 -4.01 3.07
C ASN C 111 -19.27 -5.45 3.44
N ILE C 112 -20.35 -5.99 2.86
CA ILE C 112 -20.72 -7.39 3.00
C ILE C 112 -20.67 -8.03 1.63
N GLN C 113 -19.94 -9.15 1.53
CA GLN C 113 -19.84 -9.87 0.26
C GLN C 113 -21.21 -10.44 -0.13
N SER C 114 -21.57 -10.22 -1.40
CA SER C 114 -22.95 -10.43 -1.83
C SER C 114 -23.42 -11.88 -1.64
N VAL C 115 -22.50 -12.84 -1.67
CA VAL C 115 -22.87 -14.22 -1.42
C VAL C 115 -23.33 -14.46 0.01
N LEU C 116 -22.97 -13.58 0.94
CA LEU C 116 -23.34 -13.78 2.34
C LEU C 116 -24.74 -13.28 2.66
N LEU C 117 -25.28 -12.38 1.84
CA LEU C 117 -26.59 -11.81 2.13
C LEU C 117 -27.67 -12.87 2.09
N PRO C 118 -28.76 -12.69 2.86
CA PRO C 118 -29.78 -13.75 3.01
C PRO C 118 -30.74 -13.80 1.82
N LYS C 119 -30.24 -14.31 0.70
CA LYS C 119 -31.07 -14.47 -0.48
C LYS C 119 -32.13 -15.54 -0.25
N LYS C 120 -33.37 -15.21 -0.56
CA LYS C 120 -34.52 -16.07 -0.26
C LYS C 120 -35.54 -16.02 -1.39
N LYS D 29 8.09 24.17 30.17
CA LYS D 29 7.97 22.87 29.53
C LYS D 29 8.63 22.89 28.16
N THR D 30 9.20 21.75 27.76
CA THR D 30 9.76 21.60 26.42
C THR D 30 8.69 21.83 25.35
N ARG D 31 9.11 22.39 24.22
CA ARG D 31 8.21 22.91 23.21
C ARG D 31 8.19 21.95 22.02
N LYS D 32 6.98 21.55 21.61
CA LYS D 32 6.80 20.61 20.51
C LYS D 32 5.99 21.26 19.40
N GLU D 33 6.64 21.43 18.23
CA GLU D 33 6.00 22.02 17.07
C GLU D 33 5.17 21.01 16.29
N SER D 34 4.12 21.49 15.63
CA SER D 34 3.27 20.64 14.81
C SER D 34 2.50 21.50 13.81
N TYR D 35 1.94 20.82 12.80
CA TYR D 35 1.22 21.45 11.70
C TYR D 35 -0.19 21.87 12.07
N ALA D 36 -0.58 21.77 13.34
CA ALA D 36 -1.99 21.86 13.74
C ALA D 36 -2.67 23.12 13.24
N ILE D 37 -2.03 24.28 13.44
CA ILE D 37 -2.63 25.55 13.04
C ILE D 37 -2.83 25.65 11.52
N TYR D 38 -1.93 25.06 10.74
CA TYR D 38 -2.05 25.16 9.28
C TYR D 38 -3.14 24.27 8.71
N VAL D 39 -3.25 23.04 9.22
CA VAL D 39 -4.39 22.19 8.87
C VAL D 39 -5.71 22.88 9.21
N TYR D 40 -5.77 23.52 10.38
CA TYR D 40 -6.98 24.24 10.75
C TYR D 40 -7.27 25.41 9.81
N LYS D 41 -6.23 26.16 9.44
CA LYS D 41 -6.41 27.23 8.46
C LYS D 41 -6.97 26.70 7.14
N VAL D 42 -6.43 25.58 6.66
CA VAL D 42 -6.95 24.98 5.43
C VAL D 42 -8.38 24.47 5.63
N LEU D 43 -8.66 23.87 6.78
CA LEU D 43 -10.01 23.43 7.09
C LEU D 43 -11.03 24.57 6.99
N LYS D 44 -10.69 25.73 7.55
CA LYS D 44 -11.58 26.88 7.47
C LYS D 44 -11.68 27.48 6.07
N GLN D 45 -10.84 27.07 5.13
CA GLN D 45 -11.11 27.37 3.73
C GLN D 45 -12.13 26.42 3.13
N VAL D 46 -11.92 25.11 3.29
CA VAL D 46 -12.77 24.13 2.60
C VAL D 46 -14.14 24.02 3.27
N HIS D 47 -14.19 24.03 4.60
CA HIS D 47 -15.44 23.87 5.35
C HIS D 47 -15.45 24.79 6.55
N PRO D 48 -15.82 26.05 6.37
CA PRO D 48 -15.72 27.03 7.46
C PRO D 48 -16.48 26.64 8.72
N ASP D 49 -17.63 25.99 8.58
CA ASP D 49 -18.45 25.60 9.73
C ASP D 49 -18.02 24.29 10.36
N THR D 50 -17.11 23.55 9.75
CA THR D 50 -16.66 22.27 10.27
C THR D 50 -15.49 22.46 11.25
N GLY D 51 -15.42 21.57 12.24
CA GLY D 51 -14.31 21.51 13.16
C GLY D 51 -13.56 20.19 13.02
N ILE D 52 -12.54 20.03 13.84
CA ILE D 52 -11.74 18.81 13.84
C ILE D 52 -11.35 18.42 15.26
N SER D 53 -11.53 17.15 15.59
CA SER D 53 -11.13 16.63 16.88
C SER D 53 -9.61 16.53 16.99
N SER D 54 -9.12 16.57 18.23
CA SER D 54 -7.69 16.49 18.48
C SER D 54 -7.09 15.15 18.04
N LYS D 55 -7.86 14.07 18.09
CA LYS D 55 -7.41 12.81 17.50
C LYS D 55 -7.31 12.91 15.97
N ALA D 56 -8.34 13.46 15.33
CA ALA D 56 -8.27 13.68 13.89
C ALA D 56 -7.16 14.66 13.53
N MET D 57 -6.95 15.68 14.37
CA MET D 57 -5.84 16.59 14.18
C MET D 57 -4.49 15.88 14.30
N SER D 58 -4.37 14.97 15.28
CA SER D 58 -3.16 14.16 15.37
C SER D 58 -2.92 13.32 14.13
N ILE D 59 -3.98 12.76 13.55
CA ILE D 59 -3.84 12.01 12.31
C ILE D 59 -3.41 12.91 11.16
N MET D 60 -4.05 14.06 11.00
CA MET D 60 -3.66 15.00 9.95
C MET D 60 -2.23 15.50 10.11
N ASN D 61 -1.78 15.72 11.35
CA ASN D 61 -0.38 16.06 11.56
C ASN D 61 0.54 14.90 11.17
N SER D 62 0.12 13.67 11.47
CA SER D 62 0.89 12.50 11.05
C SER D 62 0.93 12.36 9.53
N PHE D 63 -0.20 12.61 8.87
CA PHE D 63 -0.28 12.53 7.42
C PHE D 63 0.68 13.49 6.73
N VAL D 64 0.67 14.76 7.14
CA VAL D 64 1.58 15.76 6.56
C VAL D 64 3.04 15.37 6.78
N ASN D 65 3.38 14.93 7.99
CA ASN D 65 4.74 14.49 8.27
C ASN D 65 5.16 13.31 7.42
N ASP D 66 4.26 12.35 7.22
CA ASP D 66 4.58 11.19 6.37
C ASP D 66 4.80 11.57 4.91
N VAL D 67 3.86 12.32 4.33
CA VAL D 67 3.97 12.72 2.92
C VAL D 67 5.17 13.62 2.69
N PHE D 68 5.46 14.51 3.64
CA PHE D 68 6.70 15.29 3.59
C PHE D 68 7.93 14.38 3.48
N GLU D 69 8.02 13.37 4.35
CA GLU D 69 9.17 12.48 4.35
C GLU D 69 9.29 11.68 3.05
N ARG D 70 8.17 11.22 2.51
CA ARG D 70 8.20 10.52 1.22
C ARG D 70 8.76 11.39 0.11
N ILE D 71 8.20 12.59 -0.07
CA ILE D 71 8.62 13.44 -1.18
C ILE D 71 10.07 13.90 -1.00
N ALA D 72 10.43 14.31 0.20
CA ALA D 72 11.81 14.71 0.47
C ALA D 72 12.77 13.54 0.31
N GLY D 73 12.37 12.35 0.78
CA GLY D 73 13.23 11.18 0.64
C GLY D 73 13.39 10.72 -0.80
N GLU D 74 12.34 10.83 -1.61
CA GLU D 74 12.47 10.57 -3.04
C GLU D 74 13.31 11.63 -3.75
N ALA D 75 13.00 12.91 -3.51
CA ALA D 75 13.78 14.00 -4.11
C ALA D 75 15.26 13.90 -3.77
N SER D 76 15.57 13.45 -2.56
CA SER D 76 16.96 13.17 -2.20
C SER D 76 17.60 12.15 -3.14
N ARG D 77 16.92 11.03 -3.38
CA ARG D 77 17.43 10.04 -4.31
C ARG D 77 17.50 10.56 -5.74
N LEU D 78 16.51 11.33 -6.18
CA LEU D 78 16.57 11.92 -7.52
C LEU D 78 17.77 12.85 -7.66
N ALA D 79 18.08 13.62 -6.62
CA ALA D 79 19.30 14.41 -6.62
C ALA D 79 20.54 13.52 -6.68
N HIS D 80 20.58 12.49 -5.84
CA HIS D 80 21.76 11.61 -5.77
C HIS D 80 21.99 10.87 -7.07
N TYR D 81 20.93 10.32 -7.67
CA TYR D 81 21.07 9.62 -8.95
C TYR D 81 21.62 10.52 -10.04
N ASN D 82 21.31 11.82 -10.01
CA ASN D 82 21.86 12.76 -10.97
C ASN D 82 23.19 13.35 -10.55
N LYS D 83 23.80 12.83 -9.47
CA LYS D 83 25.06 13.34 -8.94
C LYS D 83 24.99 14.84 -8.63
N ARG D 84 23.80 15.35 -8.32
CA ARG D 84 23.59 16.77 -8.09
C ARG D 84 23.39 17.03 -6.60
N SER D 85 24.04 18.09 -6.12
CA SER D 85 24.07 18.39 -4.70
C SER D 85 22.78 19.02 -4.18
N THR D 86 21.97 19.61 -5.07
CA THR D 86 20.82 20.41 -4.65
C THR D 86 19.53 19.65 -4.92
N ILE D 87 18.63 19.69 -3.94
CA ILE D 87 17.21 19.45 -4.16
C ILE D 87 16.56 20.76 -4.57
N THR D 88 16.11 20.84 -5.82
CA THR D 88 15.35 21.99 -6.30
C THR D 88 13.88 21.65 -6.41
N SER D 89 13.07 22.66 -6.76
CA SER D 89 11.67 22.44 -7.08
C SER D 89 11.48 21.40 -8.18
N ARG D 90 12.46 21.27 -9.08
CA ARG D 90 12.39 20.25 -10.12
C ARG D 90 12.51 18.85 -9.55
N GLU D 91 13.37 18.67 -8.54
CA GLU D 91 13.42 17.39 -7.82
C GLU D 91 12.13 17.10 -7.08
N ILE D 92 11.51 18.12 -6.49
CA ILE D 92 10.21 17.95 -5.84
C ILE D 92 9.14 17.54 -6.86
N GLN D 93 9.09 18.25 -7.99
CA GLN D 93 8.08 17.96 -9.01
C GLN D 93 8.14 16.53 -9.53
N THR D 94 9.33 16.02 -9.83
CA THR D 94 9.43 14.62 -10.25
C THR D 94 9.05 13.66 -9.13
N ALA D 95 9.48 13.94 -7.90
CA ALA D 95 9.10 13.09 -6.77
C ALA D 95 7.60 13.04 -6.58
N VAL D 96 6.92 14.17 -6.76
CA VAL D 96 5.46 14.20 -6.67
C VAL D 96 4.83 13.35 -7.78
N ARG D 97 5.32 13.49 -9.01
CA ARG D 97 4.82 12.66 -10.10
C ARG D 97 5.12 11.18 -9.90
N LEU D 98 6.23 10.86 -9.24
CA LEU D 98 6.51 9.46 -8.93
C LEU D 98 5.61 8.93 -7.83
N LEU D 99 5.45 9.70 -6.74
CA LEU D 99 4.73 9.18 -5.59
C LEU D 99 3.21 9.28 -5.74
N LEU D 100 2.70 10.43 -6.15
CA LEU D 100 1.25 10.57 -6.14
C LEU D 100 0.64 9.91 -7.38
N PRO D 101 -0.52 9.29 -7.23
CA PRO D 101 -1.19 8.67 -8.38
C PRO D 101 -1.97 9.65 -9.22
N GLY D 102 -2.24 9.22 -10.46
CA GLY D 102 -3.37 9.67 -11.25
C GLY D 102 -3.54 11.17 -11.34
N GLU D 103 -4.78 11.62 -11.17
CA GLU D 103 -5.09 13.05 -11.15
C GLU D 103 -4.52 13.76 -9.94
N LEU D 104 -4.29 13.05 -8.84
CA LEU D 104 -3.77 13.69 -7.64
C LEU D 104 -2.38 14.28 -7.87
N ALA D 105 -1.53 13.56 -8.61
CA ALA D 105 -0.26 14.11 -9.05
C ALA D 105 -0.44 15.32 -9.95
N LYS D 106 -1.34 15.23 -10.92
CA LYS D 106 -1.55 16.31 -11.88
C LYS D 106 -2.00 17.61 -11.21
N HIS D 107 -2.94 17.51 -10.28
CA HIS D 107 -3.35 18.70 -9.52
C HIS D 107 -2.23 19.20 -8.59
N ALA D 108 -1.56 18.29 -7.90
CA ALA D 108 -0.46 18.68 -7.02
C ALA D 108 0.64 19.42 -7.78
N VAL D 109 1.01 18.92 -8.96
CA VAL D 109 2.00 19.61 -9.79
C VAL D 109 1.50 20.97 -10.23
N SER D 110 0.19 21.08 -10.50
CA SER D 110 -0.38 22.38 -10.86
C SER D 110 -0.29 23.37 -9.71
N GLU D 111 -0.65 22.96 -8.50
CA GLU D 111 -0.54 23.83 -7.33
C GLU D 111 0.92 24.20 -7.04
N GLY D 112 1.81 23.22 -7.08
CA GLY D 112 3.22 23.51 -6.86
C GLY D 112 3.82 24.48 -7.86
N THR D 113 3.49 24.31 -9.14
CA THR D 113 3.99 25.23 -10.17
C THR D 113 3.43 26.63 -10.01
N LYS D 114 2.14 26.75 -9.71
CA LYS D 114 1.55 28.07 -9.46
C LYS D 114 2.17 28.76 -8.26
N ALA D 115 2.41 28.04 -7.17
CA ALA D 115 3.03 28.62 -5.99
C ALA D 115 4.44 29.15 -6.28
N VAL D 116 5.28 28.34 -6.93
CA VAL D 116 6.61 28.79 -7.29
C VAL D 116 6.55 29.96 -8.26
N THR D 117 5.59 29.95 -9.18
CA THR D 117 5.43 31.08 -10.09
C THR D 117 5.08 32.36 -9.35
N LYS D 118 4.10 32.30 -8.45
CA LYS D 118 3.74 33.46 -7.64
C LYS D 118 4.88 33.89 -6.73
N TYR D 119 5.54 32.92 -6.07
CA TYR D 119 6.64 33.24 -5.17
C TYR D 119 7.76 33.99 -5.89
N THR D 120 8.23 33.46 -7.02
CA THR D 120 9.30 34.14 -7.75
C THR D 120 8.84 35.46 -8.36
N SER D 121 7.53 35.68 -8.49
CA SER D 121 7.02 36.98 -8.92
C SER D 121 6.93 38.00 -7.79
N ALA D 122 7.14 37.58 -6.55
CA ALA D 122 7.08 38.52 -5.43
C ALA D 122 8.27 39.46 -5.44
N LYS D 123 8.09 40.61 -4.80
CA LYS D 123 9.10 41.67 -4.80
C LYS D 123 10.29 41.28 -3.94
N PRO E 39 -41.41 -20.22 21.19
CA PRO E 39 -40.70 -18.96 21.37
C PRO E 39 -40.12 -18.42 20.07
N HIS E 40 -39.92 -17.11 20.01
CA HIS E 40 -39.24 -16.51 18.87
C HIS E 40 -37.76 -16.88 18.86
N ARG E 41 -37.23 -17.07 17.66
CA ARG E 41 -35.82 -17.43 17.50
C ARG E 41 -35.39 -17.09 16.09
N TYR E 42 -34.25 -16.41 15.96
CA TYR E 42 -33.70 -16.09 14.65
C TYR E 42 -33.05 -17.31 14.01
N ARG E 43 -33.12 -17.36 12.69
CA ARG E 43 -32.51 -18.47 11.95
C ARG E 43 -30.98 -18.30 11.94
N PRO E 44 -30.25 -19.41 11.80
CA PRO E 44 -28.78 -19.35 11.81
C PRO E 44 -28.22 -18.37 10.78
N GLY E 45 -27.30 -17.52 11.25
CA GLY E 45 -26.70 -16.49 10.42
C GLY E 45 -27.44 -15.17 10.35
N THR E 46 -28.69 -15.11 10.78
CA THR E 46 -29.42 -13.84 10.77
C THR E 46 -28.76 -12.82 11.71
N VAL E 47 -28.35 -13.26 12.89
CA VAL E 47 -27.73 -12.36 13.86
C VAL E 47 -26.26 -12.08 13.52
N ALA E 48 -25.56 -13.05 12.93
CA ALA E 48 -24.22 -12.81 12.43
C ALA E 48 -24.17 -11.64 11.44
N LEU E 49 -25.17 -11.54 10.56
CA LEU E 49 -25.24 -10.38 9.67
C LEU E 49 -25.45 -9.08 10.44
N ARG E 50 -26.30 -9.09 11.46
CA ARG E 50 -26.45 -7.91 12.31
C ARG E 50 -25.14 -7.56 13.02
N GLU E 51 -24.42 -8.57 13.50
CA GLU E 51 -23.11 -8.33 14.09
C GLU E 51 -22.13 -7.71 13.10
N ILE E 52 -22.12 -8.19 11.85
CA ILE E 52 -21.27 -7.56 10.83
C ILE E 52 -21.62 -6.10 10.67
N ARG E 53 -22.91 -5.80 10.49
CA ARG E 53 -23.35 -4.42 10.33
C ARG E 53 -22.95 -3.57 11.54
N ARG E 54 -23.18 -4.08 12.75
CA ARG E 54 -22.80 -3.37 13.97
C ARG E 54 -21.30 -3.07 14.02
N TYR E 55 -20.47 -4.11 13.96
CA TYR E 55 -19.03 -3.93 14.15
C TYR E 55 -18.33 -3.25 12.97
N GLN E 56 -18.96 -3.15 11.81
CA GLN E 56 -18.43 -2.29 10.76
C GLN E 56 -18.86 -0.84 10.90
N LYS E 57 -20.01 -0.58 11.53
CA LYS E 57 -20.36 0.78 11.92
C LYS E 57 -19.41 1.33 12.97
N SER E 58 -19.14 0.55 14.02
CA SER E 58 -18.38 1.05 15.15
C SER E 58 -16.89 1.09 14.84
N THR E 59 -16.17 1.92 15.62
CA THR E 59 -14.72 2.05 15.55
C THR E 59 -14.02 1.58 16.81
N GLU E 60 -14.78 1.20 17.85
CA GLU E 60 -14.21 0.77 19.12
C GLU E 60 -13.27 -0.42 18.93
N LEU E 61 -12.24 -0.47 19.77
CA LEU E 61 -11.33 -1.61 19.79
C LEU E 61 -12.02 -2.82 20.38
N LEU E 62 -11.86 -3.97 19.71
CA LEU E 62 -12.68 -5.15 19.98
C LEU E 62 -12.02 -6.14 20.93
N ILE E 63 -10.71 -6.09 21.10
CA ILE E 63 -10.03 -6.87 22.13
C ILE E 63 -10.01 -6.09 23.44
N ARG E 64 -10.23 -6.80 24.54
CA ARG E 64 -10.22 -6.17 25.85
C ARG E 64 -8.80 -5.78 26.24
N LYS E 65 -8.67 -4.58 26.82
CA LYS E 65 -7.37 -3.94 26.96
C LYS E 65 -6.44 -4.70 27.91
N LEU E 66 -6.94 -5.06 29.09
CA LEU E 66 -6.10 -5.78 30.06
C LEU E 66 -5.59 -7.12 29.54
N PRO E 67 -6.40 -8.00 28.95
CA PRO E 67 -5.83 -9.23 28.39
C PRO E 67 -4.75 -8.98 27.34
N PHE E 68 -4.98 -8.02 26.44
CA PHE E 68 -3.98 -7.67 25.44
C PHE E 68 -2.71 -7.09 26.08
N GLN E 69 -2.88 -6.19 27.06
CA GLN E 69 -1.73 -5.61 27.73
C GLN E 69 -0.87 -6.66 28.43
N ARG E 70 -1.49 -7.60 29.13
CA ARG E 70 -0.72 -8.68 29.75
C ARG E 70 -0.01 -9.54 28.72
N LEU E 71 -0.65 -9.78 27.57
CA LEU E 71 0.01 -10.47 26.47
C LEU E 71 1.22 -9.71 25.96
N VAL E 72 1.08 -8.41 25.73
CA VAL E 72 2.21 -7.58 25.28
C VAL E 72 3.36 -7.67 26.27
N ARG E 73 3.08 -7.55 27.56
CA ARG E 73 4.14 -7.65 28.57
C ARG E 73 4.79 -9.03 28.57
N GLU E 74 3.98 -10.09 28.44
CA GLU E 74 4.52 -11.44 28.37
C GLU E 74 5.51 -11.58 27.21
N ILE E 75 5.14 -11.11 26.04
CA ILE E 75 6.04 -11.20 24.88
C ILE E 75 7.28 -10.32 25.10
N ALA E 76 7.07 -9.10 25.57
CA ALA E 76 8.18 -8.17 25.78
C ALA E 76 9.21 -8.73 26.75
N GLN E 77 8.76 -9.43 27.79
CA GLN E 77 9.65 -10.02 28.78
C GLN E 77 10.64 -11.01 28.17
N ASP E 78 10.36 -11.54 26.98
CA ASP E 78 11.33 -12.37 26.29
C ASP E 78 12.49 -11.58 25.68
N PHE E 79 12.26 -10.30 25.34
CA PHE E 79 13.31 -9.49 24.73
C PHE E 79 14.19 -8.75 25.74
N LYS E 80 13.58 -8.11 26.74
CA LYS E 80 14.36 -7.48 27.79
C LYS E 80 13.61 -7.54 29.11
N THR E 81 14.34 -7.87 30.18
CA THR E 81 13.75 -7.98 31.51
C THR E 81 13.28 -6.62 32.02
N ASP E 82 12.07 -6.57 32.57
CA ASP E 82 11.53 -5.41 33.26
C ASP E 82 11.51 -4.16 32.36
N LEU E 83 11.19 -4.37 31.09
CA LEU E 83 10.75 -3.26 30.25
C LEU E 83 9.52 -2.59 30.84
N ARG E 84 9.33 -1.31 30.50
CA ARG E 84 8.13 -0.57 30.83
C ARG E 84 7.51 -0.06 29.53
N PHE E 85 6.19 0.14 29.54
CA PHE E 85 5.47 0.62 28.38
C PHE E 85 4.67 1.86 28.72
N GLN E 86 4.77 2.90 27.90
CA GLN E 86 3.76 3.94 27.89
C GLN E 86 2.41 3.33 27.53
N SER E 87 1.35 3.83 28.18
CA SER E 87 0.01 3.34 27.85
C SER E 87 -0.34 3.61 26.40
N SER E 88 0.10 4.75 25.87
CA SER E 88 -0.04 5.04 24.44
C SER E 88 0.73 4.06 23.56
N ALA E 89 1.81 3.47 24.07
CA ALA E 89 2.49 2.41 23.31
C ALA E 89 1.67 1.14 23.23
N VAL E 90 1.05 0.74 24.34
CA VAL E 90 0.17 -0.44 24.31
C VAL E 90 -1.05 -0.18 23.45
N MET E 91 -1.62 1.02 23.53
CA MET E 91 -2.72 1.40 22.65
C MET E 91 -2.32 1.40 21.19
N ALA E 92 -1.11 1.87 20.88
CA ALA E 92 -0.60 1.79 19.51
C ALA E 92 -0.45 0.35 19.04
N LEU E 93 0.10 -0.52 19.89
CA LEU E 93 0.19 -1.94 19.54
C LEU E 93 -1.18 -2.57 19.32
N GLN E 94 -2.18 -2.18 20.11
CA GLN E 94 -3.52 -2.74 19.94
C GLN E 94 -4.18 -2.27 18.64
N GLU E 95 -4.07 -0.98 18.33
CA GLU E 95 -4.59 -0.49 17.05
C GLU E 95 -3.96 -1.20 15.86
N ALA E 96 -2.65 -1.34 15.88
CA ALA E 96 -1.95 -2.07 14.81
C ALA E 96 -2.38 -3.53 14.73
N SER E 97 -2.49 -4.19 15.88
CA SER E 97 -2.87 -5.60 15.91
C SER E 97 -4.29 -5.84 15.40
N GLU E 98 -5.25 -5.03 15.85
CA GLU E 98 -6.62 -5.19 15.38
C GLU E 98 -6.77 -4.83 13.91
N ALA E 99 -6.13 -3.75 13.46
CA ALA E 99 -6.15 -3.41 12.05
C ALA E 99 -5.54 -4.51 11.18
N TYR E 100 -4.45 -5.11 11.63
CA TYR E 100 -3.84 -6.22 10.90
C TYR E 100 -4.77 -7.44 10.84
N LEU E 101 -5.32 -7.85 11.98
CA LEU E 101 -6.21 -9.01 12.00
C LEU E 101 -7.50 -8.78 11.21
N VAL E 102 -8.09 -7.59 11.32
CA VAL E 102 -9.28 -7.28 10.52
C VAL E 102 -8.99 -7.37 9.03
N ALA E 103 -7.87 -6.79 8.59
CA ALA E 103 -7.48 -6.90 7.19
C ALA E 103 -7.24 -8.34 6.77
N LEU E 104 -6.58 -9.13 7.61
CA LEU E 104 -6.37 -10.54 7.29
C LEU E 104 -7.66 -11.33 7.19
N PHE E 105 -8.64 -11.04 8.05
CA PHE E 105 -9.94 -11.70 7.94
C PHE E 105 -10.69 -11.34 6.67
N GLU E 106 -10.54 -10.13 6.15
CA GLU E 106 -11.14 -9.78 4.87
C GLU E 106 -10.56 -10.64 3.74
N ASP E 107 -9.24 -10.77 3.70
CA ASP E 107 -8.61 -11.64 2.71
C ASP E 107 -8.99 -13.10 2.92
N THR E 108 -9.08 -13.53 4.19
CA THR E 108 -9.54 -14.87 4.51
C THR E 108 -10.97 -15.11 4.02
N ASN E 109 -11.84 -14.11 4.16
CA ASN E 109 -13.22 -14.24 3.71
C ASN E 109 -13.30 -14.45 2.19
N LEU E 110 -12.52 -13.67 1.44
CA LEU E 110 -12.45 -13.87 -0.01
C LEU E 110 -11.91 -15.25 -0.37
N ALA E 111 -10.87 -15.71 0.32
CA ALA E 111 -10.34 -17.04 0.07
C ALA E 111 -11.37 -18.13 0.33
N ALA E 112 -12.19 -17.97 1.38
CA ALA E 112 -13.26 -18.92 1.62
C ALA E 112 -14.33 -18.87 0.54
N ILE E 113 -14.78 -17.67 0.20
CA ILE E 113 -15.80 -17.50 -0.84
C ILE E 113 -15.30 -18.04 -2.17
N HIS E 114 -14.01 -17.85 -2.46
CA HIS E 114 -13.43 -18.40 -3.68
C HIS E 114 -13.52 -19.92 -3.72
N ALA E 115 -13.39 -20.59 -2.58
CA ALA E 115 -13.63 -22.03 -2.52
C ALA E 115 -15.11 -22.39 -2.46
N LYS E 116 -16.00 -21.46 -2.82
CA LYS E 116 -17.45 -21.62 -2.75
C LYS E 116 -17.97 -21.81 -1.33
N ARG E 117 -17.08 -21.78 -0.34
CA ARG E 117 -17.51 -21.91 1.04
C ARG E 117 -18.03 -20.59 1.59
N VAL E 118 -18.92 -20.68 2.57
CA VAL E 118 -19.26 -19.54 3.40
C VAL E 118 -18.36 -19.47 4.64
N THR E 119 -17.83 -20.62 5.08
CA THR E 119 -17.14 -20.72 6.35
C THR E 119 -15.64 -20.56 6.10
N ILE E 120 -15.02 -19.60 6.80
CA ILE E 120 -13.58 -19.47 6.76
C ILE E 120 -12.94 -20.56 7.62
N MET E 121 -11.78 -21.03 7.18
CA MET E 121 -11.10 -22.16 7.79
C MET E 121 -9.60 -21.86 7.81
N PRO E 122 -8.82 -22.60 8.61
CA PRO E 122 -7.36 -22.35 8.64
C PRO E 122 -6.71 -22.31 7.28
N LYS E 123 -7.07 -23.22 6.37
CA LYS E 123 -6.55 -23.19 5.01
C LYS E 123 -6.83 -21.87 4.31
N ASP E 124 -7.92 -21.19 4.66
CA ASP E 124 -8.16 -19.87 4.10
C ASP E 124 -7.20 -18.83 4.68
N ILE E 125 -6.97 -18.89 5.99
CA ILE E 125 -5.98 -18.00 6.60
C ILE E 125 -4.59 -18.29 6.05
N GLN E 126 -4.23 -19.57 5.93
CA GLN E 126 -2.92 -19.95 5.42
C GLN E 126 -2.73 -19.54 3.97
N LEU E 127 -3.76 -19.69 3.14
CA LEU E 127 -3.68 -19.18 1.77
C LEU E 127 -3.47 -17.67 1.75
N ALA E 128 -4.26 -16.94 2.54
CA ALA E 128 -4.11 -15.49 2.59
C ALA E 128 -2.70 -15.09 3.02
N ARG E 129 -2.21 -15.71 4.10
CA ARG E 129 -0.86 -15.46 4.57
C ARG E 129 0.18 -15.80 3.51
N ARG E 130 -0.01 -16.92 2.80
CA ARG E 130 0.94 -17.33 1.76
C ARG E 130 0.94 -16.37 0.57
N ILE E 131 -0.24 -16.02 0.05
CA ILE E 131 -0.29 -15.13 -1.10
C ILE E 131 0.16 -13.71 -0.72
N ARG E 132 -0.10 -13.28 0.51
CA ARG E 132 0.49 -12.04 1.00
C ARG E 132 2.01 -12.10 1.06
N GLY E 133 2.59 -13.30 1.06
CA GLY E 133 4.02 -13.44 1.26
C GLY E 133 4.49 -13.36 2.70
N GLU E 134 3.56 -13.38 3.66
CA GLU E 134 3.96 -13.40 5.06
C GLU E 134 4.58 -14.73 5.46
N ARG E 135 4.14 -15.82 4.84
CA ARG E 135 4.76 -17.13 5.01
C ARG E 135 5.44 -17.52 3.70
N ALA E 136 6.74 -17.76 3.76
CA ALA E 136 7.47 -18.27 2.60
C ALA E 136 7.35 -19.78 2.50
N ASP F 25 -1.60 -19.16 29.94
CA ASP F 25 -0.89 -18.20 29.09
C ASP F 25 -1.77 -17.01 28.73
N ASN F 26 -1.16 -15.83 28.63
CA ASN F 26 -1.91 -14.62 28.40
C ASN F 26 -2.48 -14.55 26.98
N ILE F 27 -1.96 -15.35 26.06
CA ILE F 27 -2.50 -15.40 24.71
C ILE F 27 -3.95 -15.87 24.72
N GLN F 28 -4.32 -16.72 25.69
CA GLN F 28 -5.70 -17.15 25.85
C GLN F 28 -6.61 -16.03 26.35
N GLY F 29 -6.05 -14.90 26.77
CA GLY F 29 -6.85 -13.72 27.03
C GLY F 29 -7.43 -13.08 25.78
N ILE F 30 -6.90 -13.43 24.60
CA ILE F 30 -7.55 -13.12 23.34
C ILE F 30 -8.68 -14.12 23.11
N THR F 31 -9.82 -13.88 23.75
CA THR F 31 -10.87 -14.87 23.84
C THR F 31 -11.58 -15.05 22.50
N LYS F 32 -12.21 -16.21 22.35
CA LYS F 32 -13.06 -16.58 21.22
C LYS F 32 -14.01 -15.47 20.79
N PRO F 33 -14.86 -14.93 21.68
CA PRO F 33 -15.78 -13.86 21.22
C PRO F 33 -15.07 -12.61 20.72
N ALA F 34 -13.91 -12.28 21.28
CA ALA F 34 -13.14 -11.15 20.76
C ALA F 34 -12.64 -11.42 19.35
N ILE F 35 -12.15 -12.63 19.08
CA ILE F 35 -11.74 -12.99 17.73
C ILE F 35 -12.92 -12.99 16.77
N ARG F 36 -14.07 -13.48 17.22
CA ARG F 36 -15.28 -13.42 16.41
C ARG F 36 -15.66 -11.99 16.06
N ARG F 37 -15.62 -11.07 17.03
CA ARG F 37 -15.90 -9.67 16.74
C ARG F 37 -14.95 -9.11 15.68
N LEU F 38 -13.67 -9.43 15.76
CA LEU F 38 -12.73 -9.02 14.72
C LEU F 38 -13.12 -9.62 13.37
N ALA F 39 -13.50 -10.89 13.37
CA ALA F 39 -13.98 -11.53 12.14
C ALA F 39 -15.27 -10.89 11.63
N ARG F 40 -16.19 -10.54 12.54
CA ARG F 40 -17.40 -9.86 12.11
C ARG F 40 -17.10 -8.50 11.48
N ARG F 41 -16.18 -7.73 12.05
CA ARG F 41 -15.74 -6.51 11.40
C ARG F 41 -15.09 -6.81 10.05
N GLY F 42 -14.31 -7.89 9.98
CA GLY F 42 -13.80 -8.39 8.72
C GLY F 42 -14.83 -8.99 7.78
N GLY F 43 -16.11 -8.87 8.11
CA GLY F 43 -17.16 -9.33 7.22
C GLY F 43 -17.38 -10.82 7.19
N VAL F 44 -16.85 -11.56 8.14
CA VAL F 44 -16.98 -13.02 8.14
C VAL F 44 -18.33 -13.40 8.73
N LYS F 45 -19.13 -14.13 7.95
CA LYS F 45 -20.44 -14.57 8.41
C LYS F 45 -20.37 -15.83 9.27
N ARG F 46 -19.53 -16.80 8.89
CA ARG F 46 -19.48 -18.08 9.58
C ARG F 46 -18.03 -18.47 9.82
N ILE F 47 -17.74 -18.90 11.05
CA ILE F 47 -16.37 -19.04 11.53
C ILE F 47 -16.16 -20.48 12.02
N SER F 48 -15.25 -21.19 11.38
CA SER F 48 -14.89 -22.53 11.85
C SER F 48 -14.19 -22.46 13.20
N GLY F 49 -14.48 -23.45 14.05
CA GLY F 49 -13.93 -23.47 15.41
C GLY F 49 -12.42 -23.54 15.49
N LEU F 50 -11.76 -23.92 14.40
CA LEU F 50 -10.29 -23.94 14.35
C LEU F 50 -9.68 -22.56 14.11
N ILE F 51 -10.48 -21.57 13.70
CA ILE F 51 -9.94 -20.25 13.36
C ILE F 51 -9.31 -19.58 14.58
N TYR F 52 -9.80 -19.89 15.78
CA TYR F 52 -9.36 -19.21 16.98
C TYR F 52 -7.90 -19.49 17.31
N GLU F 53 -7.50 -20.76 17.30
CA GLU F 53 -6.09 -21.10 17.53
C GLU F 53 -5.18 -20.60 16.41
N GLU F 54 -5.67 -20.60 15.16
CA GLU F 54 -4.92 -19.95 14.08
C GLU F 54 -4.71 -18.47 14.34
N THR F 55 -5.79 -17.76 14.70
CA THR F 55 -5.71 -16.31 14.87
C THR F 55 -4.81 -15.91 16.04
N ARG F 56 -4.85 -16.68 17.13
CA ARG F 56 -3.90 -16.46 18.23
C ARG F 56 -2.46 -16.61 17.77
N GLY F 57 -2.15 -17.70 17.06
CA GLY F 57 -0.80 -17.89 16.55
C GLY F 57 -0.34 -16.78 15.63
N VAL F 58 -1.19 -16.36 14.69
CA VAL F 58 -0.87 -15.27 13.79
C VAL F 58 -0.63 -13.97 14.57
N LEU F 59 -1.52 -13.65 15.51
CA LEU F 59 -1.35 -12.44 16.31
C LEU F 59 -0.08 -12.47 17.15
N LYS F 60 0.21 -13.61 17.79
CA LYS F 60 1.43 -13.74 18.58
C LYS F 60 2.70 -13.55 17.74
N VAL F 61 2.73 -14.13 16.54
CA VAL F 61 3.85 -13.91 15.63
C VAL F 61 3.95 -12.46 15.20
N PHE F 62 2.81 -11.83 14.89
CA PHE F 62 2.81 -10.40 14.54
C PHE F 62 3.37 -9.54 15.67
N LEU F 63 2.87 -9.74 16.89
CA LEU F 63 3.33 -8.94 18.03
C LEU F 63 4.82 -9.16 18.32
N GLU F 64 5.29 -10.40 18.25
CA GLU F 64 6.71 -10.67 18.47
C GLU F 64 7.60 -9.87 17.53
N ASN F 65 7.25 -9.82 16.25
CA ASN F 65 8.07 -9.08 15.29
C ASN F 65 8.05 -7.57 15.54
N VAL F 66 6.88 -6.99 15.83
CA VAL F 66 6.80 -5.56 16.09
C VAL F 66 7.48 -5.20 17.41
N ILE F 67 7.29 -6.00 18.45
CA ILE F 67 7.88 -5.67 19.75
C ILE F 67 9.40 -5.78 19.70
N ARG F 68 9.93 -6.77 18.99
CA ARG F 68 11.38 -6.89 18.81
C ARG F 68 11.99 -5.61 18.23
N ASP F 69 11.35 -5.04 17.20
CA ASP F 69 11.83 -3.77 16.65
C ASP F 69 11.69 -2.63 17.64
N ALA F 70 10.53 -2.53 18.30
CA ALA F 70 10.30 -1.44 19.26
C ALA F 70 11.29 -1.50 20.42
N VAL F 71 11.60 -2.69 20.91
CA VAL F 71 12.63 -2.85 21.93
C VAL F 71 14.00 -2.42 21.42
N THR F 72 14.30 -2.71 20.15
CA THR F 72 15.56 -2.27 19.57
C THR F 72 15.71 -0.74 19.60
N TYR F 73 14.68 -0.02 19.18
CA TYR F 73 14.73 1.43 19.30
C TYR F 73 14.83 1.88 20.76
N THR F 74 14.15 1.18 21.66
CA THR F 74 14.23 1.50 23.08
C THR F 74 15.64 1.31 23.62
N GLU F 75 16.26 0.18 23.30
CA GLU F 75 17.64 -0.06 23.72
C GLU F 75 18.65 0.84 23.02
N HIS F 76 18.40 1.20 21.76
CA HIS F 76 19.29 2.15 21.10
C HIS F 76 19.27 3.51 21.79
N ALA F 77 18.09 3.97 22.22
CA ALA F 77 18.02 5.14 23.07
C ALA F 77 18.50 4.88 24.49
N LYS F 78 18.87 3.63 24.80
CA LYS F 78 19.21 3.20 26.16
C LYS F 78 18.10 3.52 27.15
N ARG F 79 16.86 3.59 26.67
CA ARG F 79 15.74 3.74 27.56
C ARG F 79 15.32 2.39 28.13
N LYS F 80 14.61 2.42 29.25
CA LYS F 80 13.89 1.26 29.75
C LYS F 80 12.41 1.27 29.41
N THR F 81 11.80 2.44 29.24
CA THR F 81 10.41 2.52 28.83
C THR F 81 10.32 2.51 27.31
N VAL F 82 9.58 1.53 26.78
CA VAL F 82 9.16 1.55 25.38
C VAL F 82 8.08 2.62 25.19
N THR F 83 8.31 3.51 24.24
CA THR F 83 7.37 4.58 23.96
C THR F 83 6.50 4.23 22.75
N ALA F 84 5.43 5.02 22.57
CA ALA F 84 4.60 4.92 21.38
C ALA F 84 5.39 5.18 20.11
N MET F 85 6.35 6.11 20.15
CA MET F 85 7.16 6.40 18.97
C MET F 85 8.06 5.24 18.60
N ASP F 86 8.57 4.49 19.57
CA ASP F 86 9.31 3.26 19.27
C ASP F 86 8.43 2.25 18.52
N VAL F 87 7.15 2.18 18.87
CA VAL F 87 6.23 1.31 18.15
C VAL F 87 5.94 1.84 16.74
N VAL F 88 5.72 3.15 16.60
CA VAL F 88 5.44 3.72 15.29
C VAL F 88 6.65 3.56 14.37
N TYR F 89 7.86 3.80 14.87
CA TYR F 89 9.04 3.56 14.05
C TYR F 89 9.25 2.09 13.76
N ALA F 90 8.81 1.20 14.65
CA ALA F 90 8.76 -0.23 14.33
C ALA F 90 7.77 -0.52 13.21
N LEU F 91 6.53 -0.07 13.38
CA LEU F 91 5.49 -0.33 12.38
C LEU F 91 5.84 0.26 11.01
N LYS F 92 6.44 1.44 10.98
CA LYS F 92 6.88 2.02 9.72
C LYS F 92 8.02 1.22 9.10
N ARG F 93 8.95 0.74 9.92
CA ARG F 93 9.99 -0.15 9.41
C ARG F 93 9.39 -1.46 8.90
N GLN F 94 8.38 -1.97 9.59
CA GLN F 94 7.64 -3.14 9.13
C GLN F 94 6.78 -2.87 7.90
N GLY F 95 6.73 -1.62 7.41
CA GLY F 95 5.95 -1.33 6.23
C GLY F 95 4.47 -1.17 6.48
N ARG F 96 4.08 -0.72 7.67
CA ARG F 96 2.72 -0.86 8.17
C ARG F 96 2.33 0.40 8.92
N THR F 97 2.62 1.55 8.30
CA THR F 97 2.50 2.86 8.94
C THR F 97 1.19 3.02 9.69
N LEU F 98 1.26 3.62 10.88
CA LEU F 98 0.11 3.90 11.72
C LEU F 98 0.00 5.40 11.94
N TYR F 99 -1.12 5.98 11.53
CA TYR F 99 -1.41 7.39 11.80
C TYR F 99 -2.24 7.56 13.07
N GLY F 100 -1.90 8.58 13.85
CA GLY F 100 -2.68 8.99 15.01
C GLY F 100 -1.96 8.96 16.34
N PHE F 101 -0.77 8.35 16.42
CA PHE F 101 -0.03 8.28 17.68
C PHE F 101 1.21 9.19 17.67
N GLY F 102 1.12 10.31 16.96
CA GLY F 102 2.16 11.32 17.03
C GLY F 102 3.35 11.08 16.13
N GLY F 103 3.34 10.01 15.33
CA GLY F 103 4.38 9.78 14.36
C GLY F 103 4.10 10.38 13.00
N GLY I 7 -14.56 15.96 -10.07
CA GLY I 7 -13.34 16.77 -10.02
C GLY I 7 -12.60 16.66 -8.70
N ARG I 8 -11.70 17.60 -8.45
CA ARG I 8 -10.95 17.66 -7.21
C ARG I 8 -10.76 19.11 -6.81
N SER I 9 -10.34 19.32 -5.57
CA SER I 9 -10.26 20.66 -5.01
C SER I 9 -9.12 21.44 -5.66
N LEU I 10 -9.14 22.76 -5.44
CA LEU I 10 -8.06 23.67 -5.85
C LEU I 10 -7.52 23.40 -7.25
#